data_6LD3
#
_entry.id   6LD3
#
_cell.length_a   63.65
_cell.length_b   84.99
_cell.length_c   69.78
_cell.angle_alpha   90
_cell.angle_beta   113.28
_cell.angle_gamma   90
#
_symmetry.space_group_name_H-M   'P 1 21 1'
#
loop_
_entity.id
_entity.type
_entity.pdbx_description
1 polymer 'RNA-directed RNA polymerase NS5'
2 non-polymer 'ZINC ION'
3 non-polymer '2,4-dimethoxy-5-thiophen-2-yl-benzoic acid'
4 non-polymer benzenesulfonamide
5 water water
#
_entity_poly.entity_id   1
_entity_poly.type   'polypeptide(L)'
_entity_poly.pdbx_seq_one_letter_code
;MHHHHHHSSGVDLGTENLYFQSMAEAPNMKIIGNRIERIRSEHAETWFFDENHPYRTWAYHGSYEAPTQGSASSLINGVV
RLLSKPWDVVTGVTGIAMTDTTPYGQQRVFKEKVDTRVPDPQEGTRQVMSMVSSWLWKELGKHKRPRVCTKEEFINKVRS
NAALGAIFEEEKEWKTAVEAVNDPRFWALVDKEREHHLRGECQSCVYNMMGKREKKQGEFGKAKGSRAIWYMWLGARFLE
FEALGFLNEDHWMGRENSGGGVEGLGLQRLGYVLEEMSRIPGGRMYADDTAGWDTRISRFDLENEALITNQMEKGHRALA
LAIIKYTYQNKVVKVLRPAEKGKTVMDIISRQDQRGSGQVVTYALNTFTNLVVQLIRNMEAEEVLEMQDLWLLRRSEKVT
NWLQSNGWDRLKRMAVSGDDCVVKPIDDRFAHALRFLNDMGKVRKDTQEWKPSTGWDNWEEVPFCSHHFNKLHLKDGRSI
VVPCRHQDELIGRARVSPGAGWSIRETACLAKSYAQMWQLLYFHRRDLRLMANAICSSVPVDWVPTGRTTWSIHGKGEWM
TTEDMLVVWNRVWIEENDHMEDKTPVTKWTDIPYLGKREDLWCGSLIGHRPRTTWAENIKNTVNMVRRIIGDEEKYMDYL
STQVR
;
_entity_poly.pdbx_strand_id   A
#
loop_
_chem_comp.id
_chem_comp.type
_chem_comp.name
_chem_comp.formula
FB2 non-polymer benzenesulfonamide 'C6 H7 N O2 S'
G8O non-polymer '2,4-dimethoxy-5-thiophen-2-yl-benzoic acid' 'C13 H12 O4 S'
ZN non-polymer 'ZINC ION' 'Zn 2'
#
# COMPACT_ATOMS: atom_id res chain seq x y z
N PRO A 27 -29.82 1.62 1.10
CA PRO A 27 -29.51 2.37 -0.12
C PRO A 27 -30.11 3.77 -0.08
N ASN A 28 -29.30 4.76 0.29
CA ASN A 28 -29.78 6.13 0.38
C ASN A 28 -29.89 6.75 -1.01
N MET A 29 -31.10 6.68 -1.63
CA MET A 29 -31.34 7.24 -2.96
C MET A 29 -31.17 8.75 -3.01
N LYS A 30 -31.50 9.43 -1.90
CA LYS A 30 -31.32 10.87 -1.81
C LYS A 30 -29.83 11.29 -1.76
N ILE A 31 -28.89 10.34 -1.66
CA ILE A 31 -27.45 10.63 -1.71
C ILE A 31 -26.82 10.06 -2.99
N ILE A 32 -27.30 8.90 -3.51
CA ILE A 32 -26.68 8.29 -4.69
C ILE A 32 -27.42 8.48 -6.04
N GLY A 33 -28.70 8.87 -6.01
CA GLY A 33 -29.52 9.03 -7.22
C GLY A 33 -28.94 9.90 -8.32
N ASN A 34 -28.31 11.04 -7.98
CA ASN A 34 -27.78 11.96 -8.99
C ASN A 34 -26.68 11.33 -9.84
N ARG A 35 -25.75 10.60 -9.19
CA ARG A 35 -24.67 9.92 -9.89
C ARG A 35 -25.25 8.86 -10.83
N ILE A 36 -26.26 8.11 -10.35
CA ILE A 36 -26.94 7.07 -11.10
C ILE A 36 -27.68 7.65 -12.33
N GLU A 37 -28.35 8.82 -12.17
CA GLU A 37 -29.06 9.47 -13.29
C GLU A 37 -28.08 10.00 -14.32
N ARG A 38 -26.91 10.50 -13.87
CA ARG A 38 -25.87 11.01 -14.76
C ARG A 38 -25.32 9.89 -15.63
N ILE A 39 -25.12 8.69 -15.06
CA ILE A 39 -24.60 7.56 -15.82
C ILE A 39 -25.68 7.07 -16.80
N ARG A 40 -26.93 7.00 -16.33
CA ARG A 40 -28.08 6.60 -17.13
C ARG A 40 -28.26 7.55 -18.34
N SER A 41 -28.05 8.86 -18.17
CA SER A 41 -28.19 9.82 -19.27
C SER A 41 -27.12 9.59 -20.34
N GLU A 42 -25.89 9.30 -19.90
CA GLU A 42 -24.78 9.06 -20.81
C GLU A 42 -24.93 7.76 -21.61
N HIS A 43 -25.74 6.80 -21.13
CA HIS A 43 -25.93 5.52 -21.85
C HIS A 43 -27.39 5.11 -21.92
N ALA A 44 -28.27 6.12 -22.11
CA ALA A 44 -29.71 5.96 -22.17
C ALA A 44 -30.21 4.94 -23.20
N GLU A 45 -29.61 4.89 -24.40
CA GLU A 45 -30.05 3.93 -25.43
C GLU A 45 -29.71 2.47 -25.15
N THR A 46 -28.68 2.23 -24.36
CA THR A 46 -28.26 0.87 -24.06
C THR A 46 -28.66 0.42 -22.62
N TRP A 47 -29.04 1.37 -21.76
CA TRP A 47 -29.41 1.11 -20.37
C TRP A 47 -30.50 0.08 -20.25
N PHE A 48 -30.30 -0.87 -19.34
CA PHE A 48 -31.29 -1.91 -19.06
C PHE A 48 -31.24 -2.31 -17.58
N PHE A 49 -32.09 -3.25 -17.16
CA PHE A 49 -32.09 -3.72 -15.79
C PHE A 49 -32.07 -5.23 -15.87
N ASP A 50 -30.89 -5.83 -15.65
CA ASP A 50 -30.71 -7.26 -15.69
C ASP A 50 -31.29 -7.87 -14.45
N GLU A 51 -32.50 -8.41 -14.54
CA GLU A 51 -33.19 -9.05 -13.43
C GLU A 51 -32.36 -10.23 -12.82
N ASN A 52 -31.43 -10.81 -13.61
CA ASN A 52 -30.60 -11.93 -13.16
C ASN A 52 -29.15 -11.54 -12.88
N HIS A 53 -28.94 -10.36 -12.26
CA HIS A 53 -27.61 -9.87 -11.86
C HIS A 53 -27.12 -10.76 -10.69
N PRO A 54 -25.80 -10.87 -10.45
CA PRO A 54 -25.32 -11.77 -9.38
C PRO A 54 -25.13 -11.14 -7.99
N TYR A 55 -25.48 -9.86 -7.82
CA TYR A 55 -25.21 -9.07 -6.60
C TYR A 55 -26.11 -9.39 -5.39
N ARG A 56 -25.45 -9.84 -4.31
CA ARG A 56 -26.08 -10.26 -3.06
C ARG A 56 -26.00 -9.20 -1.94
N THR A 57 -24.79 -8.68 -1.65
CA THR A 57 -24.64 -7.68 -0.59
C THR A 57 -24.42 -6.24 -1.10
N TRP A 58 -24.50 -6.03 -2.42
CA TRP A 58 -24.37 -4.72 -3.03
C TRP A 58 -25.71 -4.35 -3.65
N ALA A 59 -26.14 -3.09 -3.52
CA ALA A 59 -27.38 -2.63 -4.13
C ALA A 59 -27.22 -2.55 -5.66
N TYR A 60 -28.13 -3.16 -6.42
CA TYR A 60 -28.05 -3.15 -7.89
C TYR A 60 -28.95 -2.06 -8.47
N HIS A 61 -28.46 -1.30 -9.45
CA HIS A 61 -29.22 -0.19 -10.01
C HIS A 61 -29.60 -0.32 -11.46
N GLY A 62 -28.84 -1.10 -12.20
CA GLY A 62 -29.07 -1.27 -13.63
C GLY A 62 -27.77 -1.48 -14.37
N SER A 63 -27.87 -1.83 -15.64
CA SER A 63 -26.70 -2.09 -16.47
C SER A 63 -26.75 -1.28 -17.79
N TYR A 64 -25.71 -1.40 -18.62
CA TYR A 64 -25.62 -0.80 -19.94
C TYR A 64 -24.54 -1.54 -20.75
N GLU A 65 -24.57 -1.44 -22.08
CA GLU A 65 -23.62 -2.14 -22.93
C GLU A 65 -22.29 -1.39 -23.09
N ALA A 66 -21.26 -1.87 -22.40
CA ALA A 66 -19.93 -1.27 -22.45
C ALA A 66 -19.15 -1.81 -23.66
N PRO A 67 -18.08 -1.12 -24.13
CA PRO A 67 -17.32 -1.64 -25.27
C PRO A 67 -16.55 -2.93 -24.95
N SER A 74 0.96 -8.10 -17.33
CA SER A 74 0.35 -8.03 -18.66
C SER A 74 1.43 -8.20 -19.77
N LEU A 75 2.00 -7.09 -20.30
CA LEU A 75 3.08 -7.15 -21.28
C LEU A 75 4.38 -7.47 -20.54
N ILE A 76 5.34 -8.02 -21.27
CA ILE A 76 6.63 -8.38 -20.68
C ILE A 76 7.68 -7.29 -20.95
N ASN A 77 8.57 -7.05 -19.97
CA ASN A 77 9.67 -6.12 -20.14
C ASN A 77 10.74 -6.97 -20.81
N GLY A 78 10.90 -6.79 -22.11
CA GLY A 78 11.85 -7.56 -22.92
C GLY A 78 13.28 -7.47 -22.44
N VAL A 79 13.69 -6.30 -21.92
CA VAL A 79 15.04 -6.13 -21.43
C VAL A 79 15.29 -7.02 -20.21
N VAL A 80 14.39 -6.99 -19.21
CA VAL A 80 14.49 -7.83 -18.01
C VAL A 80 14.29 -9.31 -18.34
N ARG A 81 13.41 -9.61 -19.30
CA ARG A 81 13.18 -11.01 -19.72
C ARG A 81 14.44 -11.60 -20.31
N LEU A 82 15.11 -10.84 -21.18
CA LEU A 82 16.37 -11.26 -21.81
C LEU A 82 17.50 -11.50 -20.82
N LEU A 83 17.59 -10.69 -19.72
CA LEU A 83 18.64 -10.88 -18.73
C LEU A 83 18.24 -11.79 -17.55
N SER A 84 17.12 -12.55 -17.65
CA SER A 84 16.70 -13.42 -16.53
C SER A 84 16.15 -14.77 -16.96
N LYS A 85 16.77 -15.37 -17.99
CA LYS A 85 16.40 -16.67 -18.55
C LYS A 85 16.20 -17.78 -17.49
N PRO A 86 17.03 -17.93 -16.42
CA PRO A 86 16.76 -18.98 -15.43
C PRO A 86 15.40 -18.89 -14.74
N TRP A 87 14.73 -17.75 -14.83
CA TRP A 87 13.44 -17.55 -14.20
C TRP A 87 12.26 -17.68 -15.18
N ASP A 88 12.46 -18.27 -16.37
CA ASP A 88 11.37 -18.52 -17.30
C ASP A 88 10.62 -19.78 -16.83
N VAL A 89 11.36 -20.80 -16.36
CA VAL A 89 10.83 -22.08 -15.86
C VAL A 89 10.42 -22.03 -14.37
N VAL A 90 10.48 -20.84 -13.72
CA VAL A 90 10.11 -20.65 -12.31
C VAL A 90 8.70 -20.07 -12.25
N THR A 91 7.72 -20.85 -11.75
CA THR A 91 6.30 -20.46 -11.66
C THR A 91 6.05 -19.29 -10.69
N GLY A 92 6.88 -19.20 -9.64
CA GLY A 92 6.80 -18.10 -8.70
C GLY A 92 7.16 -16.75 -9.33
N VAL A 93 7.82 -16.77 -10.51
CA VAL A 93 8.18 -15.57 -11.26
C VAL A 93 7.15 -15.27 -12.36
N THR A 94 6.86 -16.25 -13.23
CA THR A 94 5.95 -16.08 -14.37
C THR A 94 4.50 -15.82 -13.96
N GLY A 95 4.10 -16.30 -12.79
CA GLY A 95 2.75 -16.11 -12.24
C GLY A 95 2.37 -14.66 -12.00
N ILE A 96 3.39 -13.79 -11.78
CA ILE A 96 3.23 -12.35 -11.57
C ILE A 96 2.68 -11.65 -12.84
N ALA A 97 2.93 -12.23 -14.04
CA ALA A 97 2.44 -11.70 -15.31
C ALA A 97 1.00 -12.15 -15.63
N PRO A 103 -13.46 -9.46 -17.87
CA PRO A 103 -14.66 -9.39 -17.03
C PRO A 103 -14.94 -10.69 -16.26
N TYR A 104 -14.49 -11.82 -16.80
CA TYR A 104 -14.67 -13.12 -16.15
C TYR A 104 -13.80 -13.23 -14.89
N GLY A 105 -12.59 -12.67 -14.96
CA GLY A 105 -11.68 -12.65 -13.82
C GLY A 105 -12.07 -11.59 -12.81
N GLN A 106 -12.63 -10.46 -13.29
CA GLN A 106 -13.08 -9.36 -12.46
C GLN A 106 -14.27 -9.77 -11.58
N GLN A 107 -15.24 -10.51 -12.15
CA GLN A 107 -16.42 -10.99 -11.41
C GLN A 107 -16.09 -12.04 -10.36
N ARG A 108 -15.05 -12.82 -10.62
CA ARG A 108 -14.57 -13.86 -9.72
C ARG A 108 -14.09 -13.23 -8.41
N VAL A 109 -13.20 -12.23 -8.49
CA VAL A 109 -12.69 -11.50 -7.32
C VAL A 109 -13.85 -10.87 -6.53
N PHE A 110 -14.81 -10.26 -7.26
CA PHE A 110 -15.98 -9.64 -6.65
C PHE A 110 -16.87 -10.63 -5.87
N LYS A 111 -17.32 -11.72 -6.49
CA LYS A 111 -18.21 -12.69 -5.85
C LYS A 111 -17.60 -13.34 -4.60
N GLU A 112 -16.27 -13.49 -4.57
CA GLU A 112 -15.59 -14.14 -3.45
C GLU A 112 -15.24 -13.22 -2.28
N LYS A 113 -14.46 -12.14 -2.50
CA LYS A 113 -14.02 -11.30 -1.38
C LYS A 113 -14.69 -9.92 -1.25
N VAL A 114 -15.34 -9.39 -2.31
CA VAL A 114 -15.96 -8.06 -2.22
C VAL A 114 -17.48 -8.12 -1.92
N ASP A 115 -18.16 -9.18 -2.38
CA ASP A 115 -19.60 -9.35 -2.18
C ASP A 115 -19.92 -10.08 -0.86
N THR A 116 -19.44 -9.53 0.25
CA THR A 116 -19.65 -10.13 1.57
C THR A 116 -20.19 -9.10 2.56
N ARG A 117 -20.94 -9.57 3.56
CA ARG A 117 -21.50 -8.69 4.57
C ARG A 117 -21.12 -9.22 5.96
N VAL A 118 -20.60 -8.32 6.81
CA VAL A 118 -20.18 -8.67 8.17
C VAL A 118 -21.20 -8.13 9.16
N PRO A 119 -21.54 -8.87 10.25
CA PRO A 119 -22.47 -8.30 11.23
C PRO A 119 -21.87 -7.11 11.98
N ASP A 120 -22.74 -6.19 12.39
CA ASP A 120 -22.35 -5.00 13.11
C ASP A 120 -21.80 -5.36 14.46
N PRO A 121 -20.74 -4.68 14.92
CA PRO A 121 -20.24 -4.94 16.27
C PRO A 121 -21.30 -4.59 17.31
N GLN A 122 -21.26 -5.22 18.48
CA GLN A 122 -22.19 -4.90 19.57
C GLN A 122 -22.04 -3.42 20.02
N GLU A 123 -23.05 -2.88 20.73
CA GLU A 123 -23.07 -1.49 21.18
C GLU A 123 -21.87 -1.05 22.04
N GLY A 124 -21.39 -1.93 22.90
CA GLY A 124 -20.25 -1.63 23.74
C GLY A 124 -18.98 -1.56 22.92
N THR A 125 -18.83 -2.47 21.96
CA THR A 125 -17.69 -2.47 21.04
C THR A 125 -17.64 -1.13 20.27
N ARG A 126 -18.80 -0.67 19.83
CA ARG A 126 -19.00 0.57 19.11
C ARG A 126 -18.63 1.80 19.93
N GLN A 127 -18.98 1.83 21.23
CA GLN A 127 -18.63 2.95 22.11
C GLN A 127 -17.12 2.98 22.36
N VAL A 128 -16.51 1.81 22.49
CA VAL A 128 -15.06 1.68 22.68
C VAL A 128 -14.32 2.15 21.41
N MET A 129 -14.84 1.77 20.22
CA MET A 129 -14.20 2.21 18.98
C MET A 129 -14.27 3.72 18.84
N SER A 130 -15.40 4.34 19.21
CA SER A 130 -15.57 5.79 19.13
C SER A 130 -14.63 6.52 20.09
N MET A 131 -14.57 6.06 21.34
CA MET A 131 -13.74 6.66 22.38
C MET A 131 -12.27 6.65 22.05
N VAL A 132 -11.74 5.52 21.52
CA VAL A 132 -10.33 5.37 21.15
C VAL A 132 -10.04 6.18 19.87
N SER A 133 -10.97 6.18 18.92
CA SER A 133 -10.78 6.95 17.67
C SER A 133 -10.74 8.44 17.98
N SER A 134 -11.67 8.88 18.81
CA SER A 134 -11.73 10.27 19.23
C SER A 134 -10.46 10.64 20.02
N TRP A 135 -9.95 9.75 20.89
CA TRP A 135 -8.72 10.02 21.63
C TRP A 135 -7.54 10.11 20.65
N LEU A 136 -7.50 9.17 19.70
CA LEU A 136 -6.44 9.13 18.72
C LEU A 136 -6.41 10.35 17.83
N TRP A 137 -7.55 10.84 17.32
CA TRP A 137 -7.55 12.05 16.50
C TRP A 137 -7.03 13.26 17.28
N LYS A 138 -7.32 13.33 18.58
CA LYS A 138 -6.88 14.46 19.40
C LYS A 138 -5.39 14.42 19.66
N GLU A 139 -4.82 13.22 19.84
CA GLU A 139 -3.37 13.09 20.02
C GLU A 139 -2.68 13.49 18.71
N LEU A 140 -3.20 13.02 17.57
CA LEU A 140 -2.63 13.32 16.27
C LEU A 140 -2.72 14.80 15.89
N GLY A 141 -3.74 15.47 16.38
CA GLY A 141 -3.95 16.88 16.08
C GLY A 141 -3.38 17.84 17.10
N LYS A 142 -2.68 17.34 18.10
CA LYS A 142 -2.10 18.19 19.14
C LYS A 142 -1.07 19.17 18.56
N HIS A 143 -0.13 18.68 17.75
CA HIS A 143 0.92 19.52 17.18
C HIS A 143 0.77 19.74 15.68
N LYS A 144 -0.45 19.59 15.15
CA LYS A 144 -0.74 19.76 13.73
C LYS A 144 -2.17 20.23 13.55
N ARG A 145 -2.40 21.16 12.62
CA ARG A 145 -3.75 21.62 12.32
C ARG A 145 -4.12 21.19 10.91
N PRO A 146 -5.35 20.66 10.72
CA PRO A 146 -5.77 20.31 9.34
C PRO A 146 -5.76 21.55 8.44
N ARG A 147 -5.57 21.32 7.15
CA ARG A 147 -5.57 22.38 6.17
C ARG A 147 -6.00 21.83 4.81
N VAL A 148 -6.47 22.74 3.95
CA VAL A 148 -6.89 22.44 2.60
C VAL A 148 -5.62 22.34 1.73
N CYS A 149 -5.61 21.39 0.80
CA CYS A 149 -4.47 21.24 -0.11
C CYS A 149 -4.80 21.89 -1.45
N THR A 150 -3.80 22.56 -2.03
CA THR A 150 -3.95 23.39 -3.22
C THR A 150 -3.77 22.68 -4.56
N LYS A 151 -4.36 23.30 -5.60
CA LYS A 151 -4.30 22.92 -6.99
C LYS A 151 -2.83 22.82 -7.43
N GLU A 152 -1.99 23.75 -6.97
CA GLU A 152 -0.57 23.75 -7.28
C GLU A 152 0.19 22.62 -6.59
N GLU A 153 -0.21 22.22 -5.37
CA GLU A 153 0.39 21.08 -4.69
C GLU A 153 0.08 19.78 -5.44
N PHE A 154 -1.15 19.67 -5.96
CA PHE A 154 -1.60 18.52 -6.71
C PHE A 154 -0.86 18.40 -8.01
N ILE A 155 -0.62 19.55 -8.69
CA ILE A 155 0.11 19.61 -9.95
C ILE A 155 1.58 19.27 -9.73
N ASN A 156 2.22 19.83 -8.68
CA ASN A 156 3.61 19.46 -8.37
C ASN A 156 3.75 17.95 -8.10
N LYS A 157 2.68 17.30 -7.61
CA LYS A 157 2.64 15.88 -7.38
C LYS A 157 2.52 15.10 -8.70
N VAL A 158 1.61 15.49 -9.60
CA VAL A 158 1.46 14.77 -10.88
C VAL A 158 2.68 14.91 -11.78
N ARG A 159 3.41 16.04 -11.66
CA ARG A 159 4.65 16.27 -12.43
C ARG A 159 5.80 15.41 -11.89
N SER A 160 5.77 15.08 -10.58
CA SER A 160 6.79 14.28 -9.94
C SER A 160 6.71 12.82 -10.37
N ASN A 161 5.51 12.23 -10.36
CA ASN A 161 5.34 10.83 -10.75
C ASN A 161 4.55 10.68 -12.05
N THR A 176 -3.07 12.61 -21.35
CA THR A 176 -3.47 11.31 -20.81
C THR A 176 -3.49 11.35 -19.28
N ALA A 177 -2.46 11.94 -18.67
CA ALA A 177 -2.39 12.05 -17.22
C ALA A 177 -1.73 13.37 -16.82
N VAL A 178 -0.63 13.72 -17.50
CA VAL A 178 0.10 14.96 -17.28
C VAL A 178 -0.56 16.12 -18.05
N GLU A 179 -1.19 15.84 -19.19
CA GLU A 179 -1.86 16.82 -20.02
C GLU A 179 -3.17 17.31 -19.42
N ALA A 180 -3.82 16.50 -18.58
CA ALA A 180 -5.10 16.85 -17.96
C ALA A 180 -4.99 18.05 -17.04
N VAL A 181 -3.96 18.09 -16.17
CA VAL A 181 -3.80 19.23 -15.25
C VAL A 181 -3.37 20.50 -15.99
N ASN A 182 -2.69 20.37 -17.13
CA ASN A 182 -2.28 21.54 -17.92
C ASN A 182 -3.44 22.15 -18.71
N ASP A 183 -4.50 21.37 -18.96
CA ASP A 183 -5.68 21.85 -19.66
C ASP A 183 -6.62 22.57 -18.67
N PRO A 184 -7.13 23.77 -19.03
CA PRO A 184 -8.04 24.47 -18.10
C PRO A 184 -9.45 23.88 -18.04
N ARG A 185 -9.83 23.04 -19.01
CA ARG A 185 -11.14 22.39 -19.08
C ARG A 185 -11.32 21.32 -17.96
N PHE A 186 -10.20 20.75 -17.48
CA PHE A 186 -10.20 19.77 -16.41
C PHE A 186 -10.51 20.50 -15.11
N TRP A 187 -9.79 21.59 -14.85
CA TRP A 187 -10.00 22.39 -13.67
C TRP A 187 -11.37 23.06 -13.62
N ALA A 188 -12.06 23.18 -14.76
CA ALA A 188 -13.41 23.71 -14.84
C ALA A 188 -14.41 22.61 -14.42
N LEU A 189 -14.18 21.36 -14.85
CA LEU A 189 -15.04 20.26 -14.44
C LEU A 189 -14.90 20.01 -12.93
N VAL A 190 -13.67 20.12 -12.40
CA VAL A 190 -13.35 20.02 -10.98
C VAL A 190 -14.15 21.08 -10.21
N ASP A 191 -14.16 22.32 -10.72
CA ASP A 191 -14.85 23.46 -10.16
C ASP A 191 -16.37 23.24 -10.12
N LYS A 192 -16.93 22.70 -11.22
CA LYS A 192 -18.38 22.42 -11.24
C LYS A 192 -18.72 21.36 -10.19
N GLU A 193 -17.91 20.26 -10.11
CA GLU A 193 -18.19 19.22 -9.10
C GLU A 193 -18.08 19.76 -7.67
N ARG A 194 -17.12 20.67 -7.38
CA ARG A 194 -16.96 21.30 -6.06
C ARG A 194 -18.20 22.16 -5.71
N GLU A 195 -18.78 22.83 -6.73
CA GLU A 195 -20.02 23.62 -6.60
C GLU A 195 -21.14 22.72 -6.08
N HIS A 196 -21.34 21.57 -6.73
CA HIS A 196 -22.33 20.57 -6.32
C HIS A 196 -22.07 20.13 -4.89
N HIS A 197 -20.81 19.75 -4.58
CA HIS A 197 -20.44 19.29 -3.24
C HIS A 197 -20.79 20.28 -2.15
N LEU A 198 -20.55 21.60 -2.37
CA LEU A 198 -20.89 22.66 -1.40
C LEU A 198 -22.38 22.92 -1.26
N ARG A 199 -23.17 22.58 -2.28
CA ARG A 199 -24.64 22.70 -2.19
C ARG A 199 -25.17 21.49 -1.37
N GLY A 200 -24.62 20.32 -1.63
CA GLY A 200 -25.00 19.12 -0.92
C GLY A 200 -25.37 18.00 -1.88
N GLU A 201 -24.74 17.97 -3.07
CA GLU A 201 -25.02 16.91 -4.03
C GLU A 201 -23.75 16.41 -4.73
N CYS A 202 -23.86 15.25 -5.41
CA CYS A 202 -22.72 14.66 -6.09
C CYS A 202 -23.16 14.09 -7.41
N GLN A 203 -22.41 14.41 -8.47
CA GLN A 203 -22.77 13.96 -9.81
C GLN A 203 -21.80 12.98 -10.42
N SER A 204 -20.50 13.13 -10.17
CA SER A 204 -19.51 12.32 -10.85
C SER A 204 -18.46 11.63 -9.98
N CYS A 205 -18.58 11.66 -8.64
CA CYS A 205 -17.58 10.94 -7.83
C CYS A 205 -18.00 9.42 -7.78
N VAL A 206 -17.79 8.74 -8.91
CA VAL A 206 -18.13 7.35 -9.14
C VAL A 206 -16.87 6.48 -9.36
N TYR A 207 -16.81 5.31 -8.72
CA TYR A 207 -15.70 4.40 -8.83
C TYR A 207 -15.77 3.51 -10.07
N ASN A 208 -14.62 3.07 -10.57
CA ASN A 208 -14.51 2.14 -11.68
C ASN A 208 -13.71 0.98 -11.15
N MET A 209 -14.38 -0.12 -10.82
CA MET A 209 -13.75 -1.27 -10.22
C MET A 209 -13.14 -2.25 -11.20
N MET A 210 -11.87 -2.61 -10.96
CA MET A 210 -11.16 -3.58 -11.76
C MET A 210 -10.66 -4.72 -10.87
N GLY A 211 -11.15 -5.92 -11.13
CA GLY A 211 -10.75 -7.09 -10.37
C GLY A 211 -9.46 -7.68 -10.91
N LYS A 212 -8.53 -8.01 -10.00
CA LYS A 212 -7.26 -8.62 -10.39
C LYS A 212 -7.13 -9.99 -9.71
N ARG A 213 -7.29 -11.06 -10.50
CA ARG A 213 -7.23 -12.41 -9.99
C ARG A 213 -5.86 -13.07 -10.19
N SER A 226 -7.21 -12.11 -6.06
CA SER A 226 -6.41 -11.59 -4.95
C SER A 226 -7.00 -10.31 -4.36
N ARG A 227 -7.22 -9.29 -5.21
CA ARG A 227 -7.76 -8.02 -4.74
C ARG A 227 -8.48 -7.24 -5.84
N ALA A 228 -9.36 -6.33 -5.43
CA ALA A 228 -10.05 -5.46 -6.37
C ALA A 228 -9.46 -4.05 -6.22
N ILE A 229 -9.15 -3.41 -7.35
CA ILE A 229 -8.61 -2.06 -7.33
C ILE A 229 -9.68 -1.08 -7.84
N TRP A 230 -9.98 -0.06 -7.05
CA TRP A 230 -11.01 0.89 -7.40
C TRP A 230 -10.40 2.15 -7.96
N TYR A 231 -10.79 2.51 -9.17
CA TYR A 231 -10.29 3.69 -9.85
C TYR A 231 -11.28 4.84 -9.74
N MET A 232 -10.81 6.02 -10.01
CA MET A 232 -11.62 7.23 -10.05
C MET A 232 -10.91 8.17 -10.97
N TRP A 233 -11.68 9.03 -11.64
CA TRP A 233 -11.09 10.00 -12.54
C TRP A 233 -10.28 11.01 -11.74
N LEU A 234 -9.24 11.55 -12.34
CA LEU A 234 -8.31 12.50 -11.73
C LEU A 234 -9.02 13.63 -10.95
N GLY A 235 -10.16 14.05 -11.46
CA GLY A 235 -10.95 15.10 -10.85
C GLY A 235 -11.52 14.74 -9.50
N ALA A 236 -12.00 13.50 -9.34
CA ALA A 236 -12.55 13.06 -8.06
C ALA A 236 -11.45 12.97 -7.00
N ARG A 237 -10.26 12.49 -7.42
CA ARG A 237 -9.08 12.37 -6.58
C ARG A 237 -8.51 13.72 -6.21
N PHE A 238 -8.60 14.74 -7.10
CA PHE A 238 -8.13 16.08 -6.72
C PHE A 238 -9.02 16.61 -5.57
N LEU A 239 -10.33 16.45 -5.69
CA LEU A 239 -11.28 16.91 -4.69
C LEU A 239 -11.09 16.23 -3.35
N GLU A 240 -10.77 14.94 -3.37
CA GLU A 240 -10.49 14.19 -2.14
C GLU A 240 -9.17 14.67 -1.54
N PHE A 241 -8.15 14.91 -2.39
CA PHE A 241 -6.84 15.42 -2.02
C PHE A 241 -6.99 16.80 -1.38
N GLU A 242 -7.78 17.68 -1.99
CA GLU A 242 -8.02 19.04 -1.54
C GLU A 242 -8.52 19.06 -0.07
N ALA A 243 -9.45 18.15 0.25
CA ALA A 243 -10.06 18.11 1.55
C ALA A 243 -9.36 17.26 2.60
N LEU A 244 -8.75 16.11 2.20
CA LEU A 244 -8.16 15.22 3.21
C LEU A 244 -6.66 14.88 3.01
N GLY A 245 -6.06 15.38 1.94
CA GLY A 245 -4.66 15.15 1.59
C GLY A 245 -3.63 15.63 2.60
N PHE A 246 -4.05 16.51 3.53
CA PHE A 246 -3.17 17.04 4.58
C PHE A 246 -2.64 15.92 5.48
N LEU A 247 -3.37 14.78 5.58
CA LEU A 247 -2.90 13.65 6.39
C LEU A 247 -1.62 13.08 5.84
N ASN A 248 -1.43 13.12 4.52
CA ASN A 248 -0.22 12.62 3.87
C ASN A 248 0.83 13.69 3.81
N GLU A 249 0.46 14.87 3.27
CA GLU A 249 1.34 16.01 3.09
C GLU A 249 1.96 16.50 4.37
N ASP A 250 1.22 16.42 5.48
CA ASP A 250 1.75 16.85 6.76
C ASP A 250 2.16 15.71 7.68
N HIS A 251 2.18 14.46 7.18
CA HIS A 251 2.65 13.29 7.94
C HIS A 251 1.97 13.14 9.30
N TRP A 252 0.63 13.07 9.31
CA TRP A 252 -0.13 12.82 10.52
C TRP A 252 0.16 11.38 11.03
N MET A 253 0.46 10.43 10.10
CA MET A 253 0.77 9.03 10.44
C MET A 253 2.29 8.73 10.49
N GLY A 254 3.11 9.77 10.51
CA GLY A 254 4.54 9.65 10.70
C GLY A 254 4.82 9.26 12.13
N ARG A 255 5.92 8.56 12.36
CA ARG A 255 6.32 8.02 13.64
C ARG A 255 6.38 9.06 14.71
N GLU A 256 7.01 10.20 14.46
CA GLU A 256 7.11 11.28 15.43
C GLU A 256 5.75 11.77 15.95
N ASN A 257 4.76 11.92 15.06
CA ASN A 257 3.42 12.36 15.43
C ASN A 257 2.48 11.28 15.97
N SER A 258 2.60 10.02 15.49
CA SER A 258 1.64 8.98 15.87
C SER A 258 2.11 7.94 16.84
N GLY A 259 3.41 7.81 17.00
CA GLY A 259 3.97 6.78 17.86
C GLY A 259 4.07 5.45 17.16
N GLY A 260 2.95 4.95 16.65
CA GLY A 260 2.87 3.65 16.02
C GLY A 260 3.01 3.64 14.52
N GLY A 261 2.82 4.77 13.89
CA GLY A 261 2.97 4.88 12.44
C GLY A 261 4.41 4.83 11.96
N VAL A 262 4.58 4.68 10.65
CA VAL A 262 5.88 4.54 9.96
C VAL A 262 5.83 5.29 8.58
N GLU A 263 4.85 6.19 8.38
CA GLU A 263 4.68 6.90 7.12
C GLU A 263 5.80 7.85 6.90
N GLY A 264 6.40 7.80 5.72
CA GLY A 264 7.52 8.67 5.40
C GLY A 264 8.85 7.96 5.57
N LEU A 265 8.86 6.76 6.19
CA LEU A 265 10.08 6.00 6.35
C LEU A 265 10.21 5.06 5.14
N GLY A 266 11.41 4.95 4.60
CA GLY A 266 11.64 4.03 3.50
C GLY A 266 11.83 2.64 4.03
N LEU A 267 11.76 1.67 3.16
CA LEU A 267 11.97 0.27 3.50
C LEU A 267 13.36 0.05 4.18
N GLN A 268 14.34 0.96 3.91
CA GLN A 268 15.70 0.93 4.50
C GLN A 268 15.73 1.24 6.00
N ARG A 269 14.62 1.77 6.58
CA ARG A 269 14.54 2.08 8.00
C ARG A 269 13.61 1.19 8.81
N LEU A 270 12.74 0.41 8.15
CA LEU A 270 11.72 -0.41 8.81
C LEU A 270 12.29 -1.48 9.71
N GLY A 271 13.43 -2.03 9.34
CA GLY A 271 14.11 -3.03 10.16
C GLY A 271 14.58 -2.49 11.50
N TYR A 272 15.06 -1.26 11.50
CA TYR A 272 15.53 -0.55 12.70
C TYR A 272 14.37 -0.30 13.66
N VAL A 273 13.16 -0.04 13.12
CA VAL A 273 11.96 0.15 13.89
C VAL A 273 11.65 -1.15 14.64
N LEU A 274 11.68 -2.29 13.93
CA LEU A 274 11.40 -3.59 14.50
C LEU A 274 12.44 -3.99 15.52
N GLU A 275 13.71 -3.68 15.25
CA GLU A 275 14.81 -3.99 16.16
C GLU A 275 14.65 -3.15 17.44
N GLU A 276 14.26 -1.86 17.30
CA GLU A 276 13.96 -0.95 18.42
C GLU A 276 12.82 -1.57 19.26
N MET A 277 11.73 -2.03 18.61
CA MET A 277 10.60 -2.66 19.32
C MET A 277 11.00 -3.96 20.04
N SER A 278 11.91 -4.76 19.45
CA SER A 278 12.38 -6.02 20.07
C SER A 278 13.03 -5.82 21.43
N ARG A 279 13.56 -4.61 21.69
CA ARG A 279 14.22 -4.24 22.93
C ARG A 279 13.27 -3.68 23.99
N ILE A 280 12.00 -3.45 23.67
CA ILE A 280 11.03 -2.98 24.66
C ILE A 280 10.59 -4.20 25.44
N PRO A 281 10.68 -4.15 26.78
CA PRO A 281 10.26 -5.32 27.58
C PRO A 281 8.79 -5.71 27.36
N GLY A 282 8.50 -7.02 27.35
CA GLY A 282 7.14 -7.48 27.20
C GLY A 282 7.05 -8.88 26.66
N GLY A 283 5.96 -9.15 25.93
CA GLY A 283 5.76 -10.45 25.30
C GLY A 283 6.49 -10.56 23.97
N ARG A 284 6.10 -11.53 23.16
CA ARG A 284 6.67 -11.72 21.84
C ARG A 284 6.16 -10.58 20.88
N MET A 285 6.63 -10.56 19.65
CA MET A 285 6.15 -9.60 18.66
C MET A 285 5.05 -10.29 17.89
N TYR A 286 3.93 -9.62 17.74
CA TYR A 286 2.79 -10.18 17.04
C TYR A 286 2.58 -9.45 15.73
N ALA A 287 2.45 -10.19 14.62
CA ALA A 287 2.22 -9.65 13.29
C ALA A 287 1.06 -10.41 12.64
N ASP A 288 -0.19 -10.06 12.98
CA ASP A 288 -1.33 -10.76 12.43
C ASP A 288 -1.93 -9.97 11.31
N ASP A 289 -2.08 -10.58 10.14
CA ASP A 289 -2.76 -9.91 9.04
C ASP A 289 -4.28 -10.14 9.19
N THR A 290 -5.10 -9.14 8.79
CA THR A 290 -6.55 -9.30 8.82
C THR A 290 -6.97 -9.82 7.43
N ALA A 291 -7.83 -10.86 7.36
CA ALA A 291 -8.23 -11.41 6.05
C ALA A 291 -9.06 -10.39 5.28
N GLY A 292 -8.49 -9.86 4.19
CA GLY A 292 -9.13 -8.84 3.35
C GLY A 292 -9.56 -7.61 4.14
N TRP A 293 -8.59 -6.84 4.65
CA TRP A 293 -8.77 -5.67 5.49
C TRP A 293 -9.79 -4.64 4.97
N ASP A 294 -9.64 -4.23 3.70
CA ASP A 294 -10.49 -3.22 3.09
C ASP A 294 -11.94 -3.66 3.02
N THR A 295 -12.20 -4.97 2.84
CA THR A 295 -13.58 -5.46 2.82
C THR A 295 -14.21 -5.55 4.22
N ARG A 296 -13.40 -5.44 5.28
CA ARG A 296 -13.87 -5.48 6.67
C ARG A 296 -14.04 -4.08 7.27
N ILE A 297 -13.78 -2.99 6.49
CA ILE A 297 -13.99 -1.64 7.01
C ILE A 297 -15.51 -1.45 7.09
N SER A 298 -16.05 -1.28 8.30
CA SER A 298 -17.49 -1.18 8.49
C SER A 298 -17.96 0.25 8.44
N ARG A 299 -19.29 0.47 8.38
CA ARG A 299 -19.87 1.80 8.40
C ARG A 299 -19.48 2.54 9.70
N PHE A 300 -19.25 1.80 10.81
CA PHE A 300 -18.81 2.38 12.09
C PHE A 300 -17.36 2.79 12.03
N ASP A 301 -16.50 2.06 11.28
CA ASP A 301 -15.10 2.48 11.11
C ASP A 301 -15.06 3.83 10.32
N LEU A 302 -15.94 3.96 9.30
CA LEU A 302 -16.00 5.16 8.49
C LEU A 302 -16.47 6.38 9.28
N GLU A 303 -17.42 6.20 10.20
CA GLU A 303 -17.88 7.32 11.03
C GLU A 303 -16.81 7.76 12.06
N ASN A 304 -16.00 6.81 12.53
CA ASN A 304 -14.93 7.10 13.49
C ASN A 304 -13.73 7.78 12.81
N GLU A 305 -13.45 7.43 11.55
CA GLU A 305 -12.43 8.04 10.75
C GLU A 305 -12.86 9.47 10.41
N ALA A 306 -14.16 9.72 10.16
CA ALA A 306 -14.63 11.06 9.83
C ALA A 306 -14.68 12.02 11.02
N LEU A 307 -14.27 11.58 12.22
CA LEU A 307 -14.26 12.48 13.39
C LEU A 307 -13.21 13.60 13.25
N ILE A 308 -12.26 13.48 12.28
CA ILE A 308 -11.22 14.47 11.98
C ILE A 308 -11.83 15.83 11.60
N THR A 309 -13.03 15.82 10.99
CA THR A 309 -13.72 17.03 10.58
C THR A 309 -13.99 18.00 11.76
N ASN A 310 -14.07 17.49 12.99
CA ASN A 310 -14.24 18.34 14.17
C ASN A 310 -13.02 19.25 14.44
N GLN A 311 -11.89 19.02 13.75
CA GLN A 311 -10.69 19.83 13.87
C GLN A 311 -10.52 20.82 12.72
N MET A 312 -11.43 20.80 11.76
CA MET A 312 -11.41 21.63 10.58
C MET A 312 -12.25 22.88 10.77
N GLU A 313 -11.86 23.97 10.12
CA GLU A 313 -12.65 25.19 10.13
C GLU A 313 -13.81 24.94 9.15
N LYS A 314 -14.96 25.61 9.33
CA LYS A 314 -16.20 25.44 8.54
C LYS A 314 -16.03 25.24 7.01
N GLY A 315 -15.26 26.11 6.36
CA GLY A 315 -15.06 26.04 4.93
C GLY A 315 -14.47 24.72 4.48
N HIS A 316 -13.37 24.33 5.13
CA HIS A 316 -12.65 23.09 4.88
C HIS A 316 -13.54 21.88 5.29
N ARG A 317 -14.25 22.02 6.43
CA ARG A 317 -15.15 21.00 6.93
C ARG A 317 -16.22 20.64 5.91
N ALA A 318 -16.78 21.64 5.22
CA ALA A 318 -17.80 21.38 4.21
C ALA A 318 -17.24 20.56 3.05
N LEU A 319 -16.02 20.89 2.59
CA LEU A 319 -15.40 20.13 1.52
C LEU A 319 -15.15 18.67 1.96
N ALA A 320 -14.63 18.47 3.17
CA ALA A 320 -14.30 17.14 3.69
C ALA A 320 -15.54 16.28 3.98
N LEU A 321 -16.60 16.87 4.55
CA LEU A 321 -17.85 16.16 4.79
C LEU A 321 -18.45 15.66 3.48
N ALA A 322 -18.29 16.43 2.37
CA ALA A 322 -18.83 15.97 1.10
C ALA A 322 -18.05 14.76 0.61
N ILE A 323 -16.72 14.79 0.70
CA ILE A 323 -15.90 13.63 0.32
C ILE A 323 -16.27 12.39 1.16
N ILE A 324 -16.33 12.57 2.47
CA ILE A 324 -16.68 11.50 3.38
C ILE A 324 -18.05 10.93 3.09
N LYS A 325 -19.02 11.76 2.66
CA LYS A 325 -20.35 11.27 2.35
C LYS A 325 -20.46 10.52 1.01
N TYR A 326 -19.79 10.99 -0.05
CA TYR A 326 -19.95 10.41 -1.38
C TYR A 326 -18.85 9.43 -1.82
N THR A 327 -17.62 9.67 -1.41
CA THR A 327 -16.50 8.83 -1.78
C THR A 327 -16.28 7.70 -0.75
N TYR A 328 -16.59 7.94 0.54
CA TYR A 328 -16.36 6.93 1.57
C TYR A 328 -17.59 6.20 2.05
N GLN A 329 -18.64 6.93 2.42
CA GLN A 329 -19.83 6.37 3.03
C GLN A 329 -21.00 6.00 2.10
N ASN A 330 -21.06 6.48 0.86
CA ASN A 330 -22.17 6.12 -0.05
C ASN A 330 -21.60 5.98 -1.45
N LYS A 331 -20.80 4.95 -1.64
CA LYS A 331 -20.10 4.65 -2.87
C LYS A 331 -20.96 4.18 -4.04
N VAL A 332 -20.71 4.68 -5.24
CA VAL A 332 -21.39 4.23 -6.45
C VAL A 332 -20.27 3.69 -7.34
N VAL A 333 -20.43 2.47 -7.86
CA VAL A 333 -19.37 1.80 -8.60
C VAL A 333 -19.85 1.23 -9.93
N LYS A 334 -19.01 1.33 -10.96
CA LYS A 334 -19.21 0.77 -12.29
C LYS A 334 -18.34 -0.50 -12.35
N VAL A 335 -18.92 -1.68 -12.70
CA VAL A 335 -18.17 -2.95 -12.80
C VAL A 335 -18.54 -3.76 -14.05
N LEU A 336 -17.54 -4.25 -14.81
CA LEU A 336 -17.81 -5.09 -15.99
C LEU A 336 -18.29 -6.50 -15.60
N ARG A 337 -19.05 -7.14 -16.47
CA ARG A 337 -19.59 -8.48 -16.24
C ARG A 337 -19.71 -9.17 -17.59
N PRO A 338 -19.21 -10.42 -17.71
CA PRO A 338 -19.34 -11.12 -18.99
C PRO A 338 -20.81 -11.41 -19.34
N ALA A 339 -21.19 -11.13 -20.60
CA ALA A 339 -22.56 -11.34 -21.10
C ALA A 339 -22.57 -12.45 -22.24
N GLU A 340 -23.71 -12.73 -22.90
CA GLU A 340 -23.78 -13.78 -23.92
C GLU A 340 -23.22 -13.33 -25.27
N LYS A 341 -22.79 -14.30 -26.11
CA LYS A 341 -22.17 -14.11 -27.43
C LYS A 341 -20.90 -13.25 -27.37
N GLY A 342 -20.13 -13.43 -26.31
CA GLY A 342 -18.90 -12.69 -26.08
C GLY A 342 -19.09 -11.22 -25.71
N LYS A 343 -20.36 -10.75 -25.60
CA LYS A 343 -20.63 -9.36 -25.28
C LYS A 343 -20.35 -9.02 -23.81
N THR A 344 -20.24 -7.72 -23.48
CA THR A 344 -19.94 -7.32 -22.10
C THR A 344 -20.86 -6.21 -21.63
N VAL A 345 -21.29 -6.29 -20.37
CA VAL A 345 -22.12 -5.28 -19.74
C VAL A 345 -21.35 -4.56 -18.62
N MET A 346 -21.80 -3.39 -18.25
CA MET A 346 -21.26 -2.65 -17.13
C MET A 346 -22.44 -2.54 -16.17
N ASP A 347 -22.28 -3.01 -14.93
CA ASP A 347 -23.32 -2.90 -13.93
C ASP A 347 -23.05 -1.65 -13.07
N ILE A 348 -24.10 -1.09 -12.44
CA ILE A 348 -23.97 0.10 -11.60
C ILE A 348 -24.40 -0.33 -10.22
N ILE A 349 -23.48 -0.37 -9.24
CA ILE A 349 -23.79 -0.87 -7.90
C ILE A 349 -23.43 0.10 -6.78
N SER A 350 -24.01 -0.07 -5.59
CA SER A 350 -23.73 0.81 -4.46
C SER A 350 -23.54 0.08 -3.10
N ARG A 351 -22.76 0.65 -2.18
CA ARG A 351 -22.43 0.06 -0.89
C ARG A 351 -22.15 1.15 0.14
N GLN A 352 -22.63 1.00 1.38
CA GLN A 352 -22.36 1.98 2.43
C GLN A 352 -21.23 1.62 3.38
N ASP A 353 -20.43 0.63 3.04
CA ASP A 353 -19.28 0.23 3.85
C ASP A 353 -18.14 -0.28 2.96
N GLN A 354 -17.04 -0.73 3.59
CA GLN A 354 -15.82 -1.19 2.93
C GLN A 354 -14.97 0.03 2.55
N ARG A 355 -13.69 -0.20 2.36
CA ARG A 355 -12.79 0.84 1.93
C ARG A 355 -12.70 0.76 0.42
N GLY A 356 -12.80 1.91 -0.21
CA GLY A 356 -12.61 1.98 -1.66
C GLY A 356 -11.12 2.03 -1.88
N SER A 357 -10.49 0.86 -1.97
CA SER A 357 -9.05 0.72 -2.14
C SER A 357 -8.48 1.57 -3.30
N GLY A 358 -7.29 2.14 -3.11
CA GLY A 358 -6.66 2.95 -4.16
C GLY A 358 -6.99 4.44 -4.13
N GLN A 359 -7.64 4.91 -3.06
CA GLN A 359 -7.99 6.33 -2.94
C GLN A 359 -6.87 7.12 -2.20
N VAL A 360 -6.75 8.43 -2.51
CA VAL A 360 -5.77 9.37 -1.96
C VAL A 360 -5.39 9.14 -0.50
N VAL A 361 -6.38 8.98 0.39
CA VAL A 361 -6.08 8.81 1.81
C VAL A 361 -6.39 7.40 2.33
N THR A 362 -6.47 6.40 1.46
CA THR A 362 -6.68 5.01 1.87
C THR A 362 -5.64 4.54 2.91
N TYR A 363 -4.36 4.82 2.65
CA TYR A 363 -3.27 4.39 3.50
C TYR A 363 -3.36 5.01 4.89
N ALA A 364 -3.51 6.34 4.95
CA ALA A 364 -3.61 7.06 6.22
C ALA A 364 -4.79 6.58 7.04
N LEU A 365 -5.96 6.41 6.41
CA LEU A 365 -7.16 5.98 7.11
C LEU A 365 -7.09 4.56 7.59
N ASN A 366 -6.47 3.68 6.79
CA ASN A 366 -6.24 2.29 7.21
C ASN A 366 -5.26 2.29 8.41
N THR A 367 -4.29 3.19 8.41
CA THR A 367 -3.31 3.28 9.48
C THR A 367 -3.96 3.71 10.77
N PHE A 368 -4.86 4.69 10.68
CA PHE A 368 -5.65 5.18 11.79
C PHE A 368 -6.46 4.06 12.44
N THR A 369 -7.30 3.40 11.65
CA THR A 369 -8.17 2.35 12.14
C THR A 369 -7.37 1.17 12.67
N ASN A 370 -6.22 0.85 12.05
CA ASN A 370 -5.39 -0.22 12.56
C ASN A 370 -4.81 0.14 13.93
N LEU A 371 -4.40 1.41 14.16
CA LEU A 371 -3.87 1.83 15.47
C LEU A 371 -4.96 1.75 16.56
N VAL A 372 -6.22 2.11 16.20
CA VAL A 372 -7.39 2.02 17.06
C VAL A 372 -7.61 0.53 17.45
N VAL A 373 -7.61 -0.39 16.47
CA VAL A 373 -7.77 -1.84 16.67
C VAL A 373 -6.70 -2.40 17.61
N GLN A 374 -5.43 -1.96 17.48
CA GLN A 374 -4.38 -2.52 18.32
C GLN A 374 -4.42 -1.97 19.75
N LEU A 375 -4.86 -0.70 19.93
CA LEU A 375 -4.99 -0.14 21.28
C LEU A 375 -6.06 -0.91 22.05
N ILE A 376 -7.19 -1.24 21.36
CA ILE A 376 -8.33 -1.96 21.92
C ILE A 376 -7.92 -3.39 22.28
N ARG A 377 -7.18 -4.07 21.41
CA ARG A 377 -6.70 -5.41 21.67
C ARG A 377 -5.79 -5.43 22.90
N ASN A 378 -4.95 -4.42 23.06
CA ASN A 378 -4.07 -4.26 24.20
C ASN A 378 -4.88 -4.01 25.47
N MET A 379 -5.98 -3.25 25.39
CA MET A 379 -6.89 -2.99 26.53
C MET A 379 -7.62 -4.26 26.94
N GLU A 380 -7.99 -5.10 25.97
CA GLU A 380 -8.62 -6.37 26.23
C GLU A 380 -7.60 -7.28 26.89
N ALA A 381 -6.39 -7.39 26.34
CA ALA A 381 -5.30 -8.18 26.90
C ALA A 381 -4.94 -7.77 28.35
N GLU A 382 -4.88 -6.47 28.62
CA GLU A 382 -4.52 -5.97 29.93
C GLU A 382 -5.69 -6.04 30.93
N GLU A 383 -6.87 -6.56 30.52
CA GLU A 383 -8.07 -6.75 31.32
C GLU A 383 -8.79 -5.46 31.71
N VAL A 384 -8.55 -4.37 30.97
CA VAL A 384 -9.27 -3.11 31.20
C VAL A 384 -10.70 -3.29 30.65
N LEU A 385 -10.84 -3.96 29.49
CA LEU A 385 -12.10 -4.26 28.87
C LEU A 385 -12.39 -5.70 29.17
N GLU A 386 -13.61 -6.00 29.67
CA GLU A 386 -14.02 -7.39 29.94
C GLU A 386 -15.19 -7.82 29.01
N MET A 387 -15.56 -9.12 28.98
CA MET A 387 -16.60 -9.60 28.08
C MET A 387 -17.96 -8.93 28.30
N GLN A 388 -18.18 -8.31 29.47
CA GLN A 388 -19.41 -7.55 29.72
C GLN A 388 -19.41 -6.23 28.93
N ASP A 389 -18.23 -5.65 28.65
CA ASP A 389 -18.10 -4.39 27.89
C ASP A 389 -18.44 -4.52 26.37
N LEU A 390 -18.53 -5.76 25.82
CA LEU A 390 -18.87 -5.93 24.42
C LEU A 390 -20.33 -5.46 24.15
N TRP A 391 -21.27 -5.94 24.96
CA TRP A 391 -22.70 -5.67 24.85
C TRP A 391 -23.03 -4.19 25.08
N LEU A 392 -22.40 -3.59 26.09
CA LEU A 392 -22.61 -2.19 26.45
C LEU A 392 -21.50 -1.76 27.40
N LEU A 393 -20.93 -0.57 27.16
CA LEU A 393 -19.88 -0.05 28.02
C LEU A 393 -20.57 0.91 29.00
N ARG A 394 -20.72 0.48 30.26
CA ARG A 394 -21.42 1.29 31.26
C ARG A 394 -20.57 2.43 31.84
N ARG A 395 -19.31 2.12 32.16
CA ARG A 395 -18.32 3.05 32.72
C ARG A 395 -17.18 3.31 31.70
N SER A 396 -17.14 4.48 31.10
CA SER A 396 -16.10 4.82 30.12
C SER A 396 -14.77 5.27 30.75
N GLU A 397 -14.81 5.77 32.00
CA GLU A 397 -13.71 6.34 32.79
C GLU A 397 -12.42 5.51 32.84
N LYS A 398 -12.53 4.19 32.86
CA LYS A 398 -11.39 3.26 32.86
C LYS A 398 -10.66 3.29 31.53
N VAL A 399 -11.40 3.47 30.42
CA VAL A 399 -10.84 3.48 29.09
C VAL A 399 -10.06 4.76 28.90
N THR A 400 -10.66 5.91 29.29
CA THR A 400 -10.04 7.24 29.24
C THR A 400 -8.76 7.24 30.09
N ASN A 401 -8.81 6.61 31.27
CA ASN A 401 -7.65 6.57 32.15
C ASN A 401 -6.54 5.74 31.53
N TRP A 402 -6.89 4.60 30.93
CA TRP A 402 -5.88 3.76 30.29
C TRP A 402 -5.26 4.49 29.11
N LEU A 403 -6.07 5.22 28.31
CA LEU A 403 -5.52 5.95 27.18
C LEU A 403 -4.59 7.07 27.63
N GLN A 404 -4.99 7.88 28.62
CA GLN A 404 -4.14 8.98 29.11
C GLN A 404 -2.84 8.50 29.78
N SER A 405 -2.86 7.34 30.46
CA SER A 405 -1.68 6.81 31.16
C SER A 405 -0.78 5.94 30.30
N ASN A 406 -1.38 5.09 29.46
CA ASN A 406 -0.67 4.08 28.70
C ASN A 406 -0.75 4.17 27.20
N GLY A 407 -1.61 5.06 26.68
CA GLY A 407 -1.88 5.22 25.26
C GLY A 407 -0.65 5.37 24.40
N TRP A 408 0.19 6.37 24.72
CA TRP A 408 1.44 6.68 24.03
C TRP A 408 2.46 5.58 24.13
N ASP A 409 2.63 4.99 25.30
CA ASP A 409 3.55 3.87 25.48
C ASP A 409 3.12 2.70 24.58
N ARG A 410 1.80 2.45 24.44
CA ARG A 410 1.34 1.35 23.60
C ARG A 410 1.50 1.67 22.11
N LEU A 411 1.32 2.94 21.71
CA LEU A 411 1.58 3.38 20.33
C LEU A 411 3.05 3.11 19.95
N LYS A 412 3.99 3.41 20.85
CA LYS A 412 5.40 3.18 20.61
C LYS A 412 5.76 1.70 20.48
N ARG A 413 4.94 0.80 21.04
CA ARG A 413 5.16 -0.64 20.92
C ARG A 413 4.54 -1.19 19.63
N MET A 414 4.24 -0.34 18.64
CA MET A 414 3.61 -0.76 17.40
C MET A 414 4.34 -0.22 16.22
N ALA A 415 4.20 -0.86 15.07
CA ALA A 415 4.64 -0.40 13.76
C ALA A 415 3.44 -0.77 12.90
N VAL A 416 2.73 0.24 12.42
CA VAL A 416 1.48 0.03 11.68
C VAL A 416 1.58 0.74 10.34
N SER A 417 1.54 -0.02 9.25
CA SER A 417 1.64 0.53 7.91
C SER A 417 0.42 0.09 7.16
N GLY A 418 -0.62 0.92 7.14
CA GLY A 418 -1.88 0.57 6.48
C GLY A 418 -2.54 -0.57 7.23
N ASP A 419 -2.78 -1.68 6.54
CA ASP A 419 -3.34 -2.88 7.16
C ASP A 419 -2.27 -3.82 7.76
N ASP A 420 -0.98 -3.48 7.65
CA ASP A 420 0.07 -4.32 8.19
C ASP A 420 0.50 -3.82 9.58
N CYS A 421 0.65 -4.72 10.53
CA CYS A 421 1.08 -4.33 11.86
C CYS A 421 1.96 -5.37 12.55
N VAL A 422 2.78 -4.86 13.46
CA VAL A 422 3.64 -5.56 14.39
C VAL A 422 3.41 -4.88 15.72
N VAL A 423 3.09 -5.65 16.75
CA VAL A 423 2.80 -5.16 18.09
C VAL A 423 3.71 -5.90 19.09
N LYS A 424 4.29 -5.15 20.04
CA LYS A 424 5.11 -5.71 21.11
C LYS A 424 4.32 -5.45 22.42
N PRO A 425 3.41 -6.36 22.83
CA PRO A 425 2.60 -6.08 24.05
C PRO A 425 3.39 -6.21 25.36
N ILE A 426 2.80 -5.76 26.49
CA ILE A 426 3.50 -5.84 27.79
C ILE A 426 3.65 -7.29 28.34
N ASP A 427 2.88 -8.25 27.79
CA ASP A 427 2.94 -9.70 28.10
C ASP A 427 2.22 -10.49 27.01
N ASP A 428 2.16 -11.83 27.14
CA ASP A 428 1.56 -12.65 26.10
C ASP A 428 0.04 -12.87 26.23
N ARG A 429 -0.64 -12.12 27.13
CA ARG A 429 -2.11 -12.18 27.21
C ARG A 429 -2.72 -11.67 25.87
N PHE A 430 -1.98 -10.80 25.14
CA PHE A 430 -2.34 -10.29 23.81
C PHE A 430 -2.70 -11.43 22.86
N ALA A 431 -1.98 -12.58 22.91
CA ALA A 431 -2.23 -13.72 22.04
C ALA A 431 -3.67 -14.20 22.03
N HIS A 432 -4.35 -14.17 23.22
CA HIS A 432 -5.74 -14.63 23.31
C HIS A 432 -6.77 -13.49 23.54
N ALA A 433 -6.37 -12.22 23.35
CA ALA A 433 -7.30 -11.11 23.47
C ALA A 433 -7.98 -11.00 22.10
N LEU A 434 -9.02 -11.82 21.85
CA LEU A 434 -9.64 -11.92 20.54
C LEU A 434 -11.11 -11.53 20.46
N ARG A 435 -11.76 -11.37 21.61
CA ARG A 435 -13.20 -11.09 21.64
C ARG A 435 -13.61 -9.77 21.00
N PHE A 436 -12.82 -8.70 21.20
CA PHE A 436 -13.13 -7.43 20.57
C PHE A 436 -12.71 -7.41 19.11
N LEU A 437 -11.59 -8.06 18.79
CA LEU A 437 -11.03 -8.20 17.46
C LEU A 437 -12.02 -8.89 16.55
N ASN A 438 -12.61 -9.99 17.03
CA ASN A 438 -13.61 -10.71 16.24
C ASN A 438 -14.96 -9.97 16.24
N ASP A 439 -15.34 -9.28 17.32
CA ASP A 439 -16.61 -8.52 17.31
C ASP A 439 -16.56 -7.31 16.37
N MET A 440 -15.36 -6.73 16.16
CA MET A 440 -15.16 -5.64 15.19
C MET A 440 -15.10 -6.10 13.72
N GLY A 441 -15.15 -7.41 13.48
CA GLY A 441 -15.04 -7.94 12.13
C GLY A 441 -13.62 -8.00 11.60
N LYS A 442 -12.61 -7.81 12.47
CA LYS A 442 -11.20 -7.79 12.09
C LYS A 442 -10.56 -9.16 12.18
N VAL A 443 -11.20 -10.17 11.61
CA VAL A 443 -10.79 -11.57 11.63
C VAL A 443 -9.38 -11.85 11.02
N ARG A 444 -8.52 -12.55 11.76
CA ARG A 444 -7.15 -12.86 11.33
C ARG A 444 -7.05 -13.80 10.14
N LYS A 445 -5.99 -13.64 9.36
CA LYS A 445 -5.71 -14.40 8.16
C LYS A 445 -5.15 -15.78 8.52
N ASP A 446 -5.64 -16.82 7.78
CA ASP A 446 -5.26 -18.24 7.80
C ASP A 446 -5.53 -19.01 9.13
N THR A 447 -5.51 -18.34 10.29
CA THR A 447 -5.75 -19.02 11.57
C THR A 447 -7.24 -19.08 11.92
N GLN A 448 -7.59 -20.04 12.80
CA GLN A 448 -8.95 -20.23 13.30
C GLN A 448 -9.26 -19.07 14.25
N GLU A 449 -10.47 -18.50 14.09
CA GLU A 449 -11.05 -17.34 14.78
C GLU A 449 -10.77 -17.28 16.28
N TRP A 450 -10.71 -18.43 16.97
CA TRP A 450 -10.48 -18.42 18.42
C TRP A 450 -9.16 -19.07 18.84
N LYS A 451 -8.31 -19.46 17.88
CA LYS A 451 -6.99 -20.03 18.15
C LYS A 451 -6.06 -18.89 18.51
N PRO A 452 -5.35 -18.97 19.64
CA PRO A 452 -4.47 -17.84 20.03
C PRO A 452 -3.42 -17.55 18.99
N SER A 453 -3.10 -16.24 18.78
CA SER A 453 -2.08 -15.80 17.83
C SER A 453 -0.72 -16.36 18.24
N THR A 454 0.13 -16.59 17.23
CA THR A 454 1.50 -17.03 17.49
C THR A 454 2.43 -15.84 17.27
N GLY A 455 3.17 -15.51 18.31
CA GLY A 455 4.13 -14.42 18.25
C GLY A 455 5.53 -14.92 17.98
N TRP A 456 6.40 -14.01 17.58
CA TRP A 456 7.78 -14.31 17.23
C TRP A 456 8.71 -13.86 18.33
N ASP A 457 9.82 -14.62 18.53
CA ASP A 457 10.89 -14.30 19.49
C ASP A 457 12.02 -13.50 18.84
N ASN A 458 12.29 -13.78 17.56
CA ASN A 458 13.33 -13.13 16.78
C ASN A 458 12.70 -12.14 15.79
N TRP A 459 12.95 -10.84 16.02
CA TRP A 459 12.44 -9.74 15.19
C TRP A 459 12.85 -9.88 13.72
N GLU A 460 13.95 -10.59 13.46
CA GLU A 460 14.45 -10.88 12.13
C GLU A 460 13.56 -11.85 11.33
N GLU A 461 12.61 -12.55 11.99
CA GLU A 461 11.68 -13.48 11.35
C GLU A 461 10.26 -12.90 11.22
N VAL A 462 10.04 -11.72 11.81
CA VAL A 462 8.76 -11.06 11.81
C VAL A 462 8.44 -10.51 10.44
N PRO A 463 7.22 -10.82 9.94
CA PRO A 463 6.79 -10.26 8.66
C PRO A 463 6.23 -8.84 8.83
N PHE A 464 6.56 -7.94 7.92
CA PHE A 464 6.09 -6.57 7.97
C PHE A 464 6.25 -5.96 6.60
N CYS A 465 5.12 -5.53 6.02
CA CYS A 465 5.08 -4.93 4.69
C CYS A 465 5.63 -5.84 3.63
N SER A 466 5.26 -7.13 3.69
CA SER A 466 5.70 -8.16 2.75
C SER A 466 7.22 -8.46 2.83
N HIS A 467 7.88 -8.03 3.91
CA HIS A 467 9.30 -8.20 4.08
C HIS A 467 9.63 -8.75 5.45
N HIS A 468 10.87 -9.16 5.61
CA HIS A 468 11.52 -9.51 6.84
C HIS A 468 12.86 -8.77 6.81
N PHE A 469 13.40 -8.54 7.99
CA PHE A 469 14.57 -7.70 8.11
C PHE A 469 15.74 -8.46 8.72
N ASN A 470 16.96 -8.23 8.20
CA ASN A 470 18.14 -8.95 8.66
C ASN A 470 19.30 -8.03 9.01
N LYS A 471 20.02 -8.36 10.08
CA LYS A 471 21.21 -7.62 10.46
C LYS A 471 22.38 -8.23 9.73
N LEU A 472 23.12 -7.43 8.99
CA LEU A 472 24.30 -7.85 8.24
C LEU A 472 25.51 -7.02 8.70
N HIS A 473 26.70 -7.43 8.30
CA HIS A 473 27.90 -6.67 8.66
C HIS A 473 28.68 -6.26 7.45
N LEU A 474 29.11 -4.99 7.44
CA LEU A 474 30.00 -4.42 6.44
C LEU A 474 31.40 -5.02 6.65
N LYS A 475 32.25 -5.00 5.62
CA LYS A 475 33.62 -5.54 5.72
C LYS A 475 34.39 -4.98 6.92
N ASP A 476 34.19 -3.70 7.24
CA ASP A 476 34.83 -3.03 8.39
C ASP A 476 34.28 -3.42 9.78
N GLY A 477 33.15 -4.12 9.83
CA GLY A 477 32.54 -4.53 11.10
C GLY A 477 31.24 -3.84 11.45
N ARG A 478 30.93 -2.70 10.79
CA ARG A 478 29.67 -1.99 11.09
C ARG A 478 28.46 -2.84 10.68
N SER A 479 27.39 -2.78 11.46
CA SER A 479 26.18 -3.53 11.15
C SER A 479 25.19 -2.64 10.45
N ILE A 480 24.36 -3.28 9.61
CA ILE A 480 23.28 -2.65 8.86
C ILE A 480 22.07 -3.54 9.00
N VAL A 481 20.86 -2.96 8.92
CA VAL A 481 19.63 -3.76 8.95
C VAL A 481 18.92 -3.67 7.59
N VAL A 482 18.94 -4.77 6.83
CA VAL A 482 18.45 -4.82 5.46
C VAL A 482 17.07 -5.48 5.24
N PRO A 483 16.28 -4.94 4.30
CA PRO A 483 14.99 -5.56 3.98
C PRO A 483 15.16 -6.76 3.05
N CYS A 484 14.30 -7.77 3.24
CA CYS A 484 14.38 -8.97 2.44
C CYS A 484 12.99 -9.56 2.16
N ARG A 485 12.86 -10.18 1.03
CA ARG A 485 11.67 -10.90 0.64
C ARG A 485 12.08 -12.00 -0.38
N HIS A 486 11.20 -12.95 -0.68
CA HIS A 486 11.50 -14.04 -1.61
C HIS A 486 11.83 -13.47 -2.99
N GLN A 487 12.98 -13.85 -3.55
CA GLN A 487 13.47 -13.33 -4.83
C GLN A 487 12.53 -13.43 -6.02
N ASP A 488 11.75 -14.52 -6.12
CA ASP A 488 10.82 -14.75 -7.22
C ASP A 488 9.83 -13.60 -7.40
N GLU A 489 9.40 -13.02 -6.28
CA GLU A 489 8.43 -11.93 -6.26
C GLU A 489 9.04 -10.68 -6.87
N LEU A 490 10.32 -10.40 -6.55
CA LEU A 490 11.08 -9.25 -7.01
C LEU A 490 11.40 -9.35 -8.51
N ILE A 491 11.89 -10.53 -8.94
CA ILE A 491 12.23 -10.77 -10.34
C ILE A 491 10.97 -10.71 -11.18
N GLY A 492 9.93 -11.39 -10.71
CA GLY A 492 8.63 -11.44 -11.37
C GLY A 492 8.02 -10.07 -11.57
N ARG A 493 8.18 -9.18 -10.59
CA ARG A 493 7.62 -7.83 -10.68
C ARG A 493 8.37 -6.99 -11.71
N ALA A 494 9.72 -7.16 -11.78
CA ALA A 494 10.60 -6.47 -12.71
C ALA A 494 10.39 -6.95 -14.15
N ARG A 495 9.91 -8.19 -14.34
CA ARG A 495 9.63 -8.68 -15.69
C ARG A 495 8.31 -8.14 -16.29
N VAL A 496 7.47 -7.48 -15.47
CA VAL A 496 6.16 -6.96 -15.90
C VAL A 496 6.23 -5.48 -16.25
N SER A 497 5.79 -5.14 -17.46
CA SER A 497 5.77 -3.77 -17.95
C SER A 497 4.34 -3.29 -18.18
N PRO A 498 3.95 -2.16 -17.56
CA PRO A 498 2.58 -1.65 -17.75
C PRO A 498 2.48 -0.58 -18.84
N GLY A 499 1.80 -0.89 -19.94
CA GLY A 499 1.61 0.06 -21.03
C GLY A 499 1.96 -0.48 -22.40
N ALA A 500 1.00 -0.36 -23.34
CA ALA A 500 1.19 -0.86 -24.71
C ALA A 500 1.84 0.19 -25.62
N GLY A 501 2.50 -0.29 -26.68
CA GLY A 501 3.21 0.57 -27.62
C GLY A 501 4.45 1.17 -26.99
N TRP A 502 5.03 0.44 -26.03
CA TRP A 502 6.19 0.93 -25.32
C TRP A 502 7.48 0.75 -26.10
N SER A 503 8.15 1.89 -26.29
CA SER A 503 9.43 2.00 -26.95
C SER A 503 10.48 1.19 -26.20
N ILE A 504 11.57 0.80 -26.89
CA ILE A 504 12.68 0.11 -26.23
C ILE A 504 13.27 1.00 -25.14
N ARG A 505 13.17 2.35 -25.28
CA ARG A 505 13.63 3.34 -24.34
C ARG A 505 12.89 3.27 -23.01
N GLU A 506 11.55 3.27 -23.04
CA GLU A 506 10.76 3.22 -21.82
C GLU A 506 10.90 1.89 -21.07
N THR A 507 11.02 0.80 -21.81
CA THR A 507 11.21 -0.54 -21.29
C THR A 507 12.59 -0.66 -20.65
N ALA A 508 13.63 -0.13 -21.33
CA ALA A 508 14.98 -0.13 -20.79
C ALA A 508 15.09 0.79 -19.56
N CYS A 509 14.38 1.93 -19.60
CA CYS A 509 14.39 2.87 -18.50
C CYS A 509 13.71 2.30 -17.26
N LEU A 510 12.63 1.52 -17.45
CA LEU A 510 11.94 0.89 -16.32
C LEU A 510 12.82 -0.22 -15.71
N ALA A 511 13.51 -0.98 -16.58
CA ALA A 511 14.44 -2.05 -16.21
C ALA A 511 15.56 -1.48 -15.35
N LYS A 512 16.08 -0.30 -15.73
CA LYS A 512 17.11 0.44 -15.03
C LYS A 512 16.64 0.85 -13.63
N SER A 513 15.38 1.29 -13.52
CA SER A 513 14.78 1.69 -12.22
C SER A 513 14.74 0.49 -11.29
N TYR A 514 14.30 -0.68 -11.78
CA TYR A 514 14.26 -1.91 -11.00
C TYR A 514 15.68 -2.29 -10.53
N ALA A 515 16.65 -2.35 -11.47
CA ALA A 515 18.03 -2.70 -11.19
C ALA A 515 18.64 -1.76 -10.12
N GLN A 516 18.40 -0.44 -10.24
CA GLN A 516 18.93 0.51 -9.27
C GLN A 516 18.23 0.42 -7.92
N MET A 517 16.95 0.03 -7.91
CA MET A 517 16.24 -0.17 -6.67
C MET A 517 16.85 -1.39 -5.94
N TRP A 518 17.17 -2.47 -6.68
CA TRP A 518 17.81 -3.68 -6.15
C TRP A 518 19.19 -3.37 -5.58
N GLN A 519 19.98 -2.56 -6.28
CA GLN A 519 21.29 -2.12 -5.82
C GLN A 519 21.22 -1.36 -4.49
N LEU A 520 20.18 -0.58 -4.30
CA LEU A 520 19.98 0.19 -3.10
C LEU A 520 19.43 -0.61 -1.92
N LEU A 521 18.46 -1.52 -2.17
CA LEU A 521 17.75 -2.25 -1.09
C LEU A 521 17.95 -3.74 -1.00
N TYR A 522 18.23 -4.39 -2.11
CA TYR A 522 18.40 -5.85 -2.16
C TYR A 522 19.78 -6.26 -2.64
N PHE A 523 20.78 -5.38 -2.46
CA PHE A 523 22.19 -5.59 -2.83
C PHE A 523 22.77 -6.88 -2.26
N HIS A 524 22.21 -7.35 -1.15
CA HIS A 524 22.61 -8.52 -0.39
C HIS A 524 22.11 -9.85 -1.00
N ARG A 525 21.29 -9.80 -2.05
CA ARG A 525 20.86 -11.03 -2.73
C ARG A 525 21.80 -11.28 -3.87
N ARG A 526 22.55 -12.40 -3.85
CA ARG A 526 23.54 -12.68 -4.92
C ARG A 526 22.97 -12.57 -6.32
N ASP A 527 21.79 -13.15 -6.58
CA ASP A 527 21.22 -13.12 -7.93
C ASP A 527 20.83 -11.74 -8.37
N LEU A 528 20.32 -10.95 -7.45
CA LEU A 528 19.86 -9.60 -7.75
C LEU A 528 20.99 -8.66 -7.99
N ARG A 529 22.11 -8.80 -7.24
CA ARG A 529 23.27 -7.93 -7.48
C ARG A 529 23.85 -8.20 -8.87
N LEU A 530 23.92 -9.47 -9.26
CA LEU A 530 24.43 -9.80 -10.59
CA LEU A 530 24.44 -9.82 -10.58
C LEU A 530 23.45 -9.33 -11.66
N MET A 531 22.16 -9.65 -11.52
CA MET A 531 21.16 -9.23 -12.51
C MET A 531 21.05 -7.71 -12.68
N ALA A 532 21.14 -6.96 -11.56
CA ALA A 532 21.07 -5.51 -11.59
C ALA A 532 22.23 -4.91 -12.34
N ASN A 533 23.46 -5.47 -12.11
CA ASN A 533 24.69 -5.01 -12.75
C ASN A 533 24.65 -5.27 -14.27
N ALA A 534 24.06 -6.40 -14.70
CA ALA A 534 23.89 -6.75 -16.12
C ALA A 534 22.88 -5.82 -16.78
N ILE A 535 21.81 -5.45 -16.05
CA ILE A 535 20.82 -4.50 -16.59
C ILE A 535 21.48 -3.15 -16.77
N CYS A 536 22.13 -2.65 -15.72
CA CYS A 536 22.83 -1.39 -15.75
C CYS A 536 23.96 -1.36 -16.78
N SER A 537 24.52 -2.53 -17.13
CA SER A 537 25.54 -2.59 -18.17
C SER A 537 24.94 -2.62 -19.60
N SER A 538 23.66 -2.98 -19.75
CA SER A 538 22.96 -3.09 -21.05
C SER A 538 22.12 -1.89 -21.43
N VAL A 539 21.92 -0.95 -20.51
CA VAL A 539 21.12 0.25 -20.78
C VAL A 539 22.09 1.44 -20.85
N PRO A 540 21.94 2.36 -21.82
CA PRO A 540 22.83 3.52 -21.90
C PRO A 540 22.92 4.33 -20.60
N VAL A 541 24.12 4.77 -20.21
CA VAL A 541 24.35 5.50 -18.97
C VAL A 541 23.54 6.75 -18.76
N ASP A 542 23.40 7.55 -19.80
CA ASP A 542 22.68 8.83 -19.68
C ASP A 542 21.15 8.70 -19.74
N TRP A 543 20.61 7.51 -19.98
CA TRP A 543 19.17 7.29 -20.01
C TRP A 543 18.65 7.29 -18.60
N VAL A 544 17.71 8.19 -18.32
CA VAL A 544 17.14 8.36 -17.00
C VAL A 544 16.11 7.31 -16.65
N PRO A 545 16.26 6.63 -15.50
CA PRO A 545 15.23 5.67 -15.05
C PRO A 545 13.81 6.28 -15.06
N THR A 546 12.77 5.51 -15.48
CA THR A 546 11.37 5.97 -15.56
C THR A 546 10.41 4.89 -15.05
N GLY A 547 9.14 5.27 -14.82
CA GLY A 547 8.12 4.37 -14.33
C GLY A 547 8.17 4.20 -12.82
N ARG A 548 7.52 3.14 -12.33
CA ARG A 548 7.53 2.89 -10.91
C ARG A 548 7.72 1.42 -10.62
N THR A 549 8.58 1.15 -9.67
CA THR A 549 8.93 -0.21 -9.26
C THR A 549 8.02 -0.76 -8.16
N THR A 550 7.28 0.14 -7.49
CA THR A 550 6.36 -0.24 -6.46
C THR A 550 5.25 0.78 -6.27
N TRP A 551 4.13 0.34 -5.72
CA TRP A 551 3.06 1.24 -5.34
C TRP A 551 3.21 1.72 -3.85
N SER A 552 3.98 0.94 -3.04
CA SER A 552 4.23 1.20 -1.63
C SER A 552 4.70 2.59 -1.31
N ILE A 553 4.12 3.15 -0.26
CA ILE A 553 4.54 4.46 0.27
C ILE A 553 5.95 4.35 0.89
N HIS A 554 6.48 3.12 1.14
CA HIS A 554 7.83 2.95 1.64
C HIS A 554 8.90 2.99 0.51
N GLY A 555 8.46 3.12 -0.76
CA GLY A 555 9.34 3.29 -1.90
C GLY A 555 9.58 4.76 -2.13
N LYS A 556 10.70 5.29 -1.65
CA LYS A 556 10.96 6.74 -1.76
C LYS A 556 11.65 7.18 -3.10
N GLY A 557 11.94 6.20 -3.96
CA GLY A 557 12.56 6.43 -5.26
C GLY A 557 13.92 7.11 -5.25
N GLU A 558 14.84 6.72 -4.35
CA GLU A 558 16.19 7.31 -4.38
C GLU A 558 17.01 6.76 -5.57
N TRP A 559 16.57 5.63 -6.12
CA TRP A 559 17.14 4.97 -7.25
C TRP A 559 16.68 5.59 -8.60
N MET A 560 15.71 6.52 -8.60
CA MET A 560 15.21 7.11 -9.86
C MET A 560 16.07 8.28 -10.23
N THR A 561 17.31 8.00 -10.62
CA THR A 561 18.33 9.02 -10.83
C THR A 561 19.45 8.49 -11.71
N THR A 562 20.27 9.38 -12.26
CA THR A 562 21.47 8.97 -13.00
C THR A 562 22.74 9.18 -12.14
N GLU A 563 22.59 9.58 -10.87
CA GLU A 563 23.68 9.71 -9.94
C GLU A 563 24.26 8.31 -9.70
N ASP A 564 25.56 8.23 -9.46
CA ASP A 564 26.23 6.96 -9.19
C ASP A 564 25.54 6.23 -8.00
N MET A 565 25.10 4.98 -8.22
CA MET A 565 24.40 4.19 -7.20
C MET A 565 25.20 3.92 -5.92
N LEU A 566 26.53 3.87 -5.97
CA LEU A 566 27.33 3.71 -4.76
C LEU A 566 27.29 5.01 -3.91
N VAL A 567 27.21 6.18 -4.56
CA VAL A 567 27.09 7.47 -3.87
C VAL A 567 25.70 7.54 -3.22
N VAL A 568 24.66 7.10 -3.96
CA VAL A 568 23.28 7.09 -3.46
C VAL A 568 23.14 6.09 -2.28
N TRP A 569 23.81 4.91 -2.37
CA TRP A 569 23.87 3.89 -1.32
C TRP A 569 24.46 4.51 -0.04
N ASN A 570 25.53 5.29 -0.17
CA ASN A 570 26.21 5.93 0.94
C ASN A 570 25.34 6.96 1.62
N ARG A 571 24.59 7.74 0.83
CA ARG A 571 23.71 8.75 1.40
C ARG A 571 22.61 8.13 2.24
N VAL A 572 22.07 7.00 1.78
CA VAL A 572 20.95 6.29 2.37
C VAL A 572 21.37 5.38 3.53
N TRP A 573 22.43 4.60 3.35
CA TRP A 573 22.85 3.65 4.38
C TRP A 573 23.80 4.21 5.44
N ILE A 574 24.49 5.32 5.15
CA ILE A 574 25.49 5.86 6.06
C ILE A 574 25.12 7.27 6.54
N GLU A 575 25.26 8.29 5.67
CA GLU A 575 25.05 9.70 5.96
C GLU A 575 23.71 10.00 6.60
N GLU A 576 22.61 9.65 5.93
CA GLU A 576 21.27 9.93 6.46
C GLU A 576 20.66 8.77 7.24
N ASN A 577 21.48 7.76 7.64
CA ASN A 577 20.98 6.66 8.45
C ASN A 577 21.30 6.95 9.91
N ASP A 578 20.30 7.37 10.68
CA ASP A 578 20.47 7.65 12.13
C ASP A 578 20.88 6.45 12.96
N HIS A 579 20.66 5.25 12.45
CA HIS A 579 21.08 4.05 13.15
C HIS A 579 22.52 3.60 12.75
N MET A 580 23.25 4.45 12.01
CA MET A 580 24.63 4.20 11.60
C MET A 580 25.45 5.24 12.35
N GLU A 581 26.06 4.83 13.45
CA GLU A 581 26.81 5.73 14.32
C GLU A 581 28.07 6.27 13.67
N ASP A 582 28.88 5.40 13.11
CA ASP A 582 30.12 5.79 12.48
C ASP A 582 29.81 6.12 11.02
N LYS A 583 30.06 7.38 10.62
CA LYS A 583 29.77 7.93 9.32
C LYS A 583 30.82 7.73 8.24
N THR A 584 31.81 6.88 8.49
CA THR A 584 32.85 6.59 7.48
C THR A 584 32.22 6.06 6.18
N PRO A 585 32.49 6.68 5.02
CA PRO A 585 31.88 6.17 3.78
C PRO A 585 32.39 4.80 3.38
N VAL A 586 31.60 4.11 2.58
CA VAL A 586 31.98 2.84 2.00
C VAL A 586 32.42 3.21 0.58
N THR A 587 33.62 2.80 0.17
CA THR A 587 34.14 3.26 -1.14
C THR A 587 34.11 2.22 -2.26
N LYS A 588 33.68 1.00 -1.97
CA LYS A 588 33.56 -0.02 -3.01
C LYS A 588 32.46 -1.04 -2.71
N TRP A 589 31.83 -1.58 -3.77
CA TRP A 589 30.76 -2.56 -3.69
C TRP A 589 31.12 -3.88 -2.99
N THR A 590 32.39 -4.34 -3.10
CA THR A 590 32.84 -5.56 -2.41
C THR A 590 32.85 -5.44 -0.91
N ASP A 591 32.84 -4.22 -0.35
CA ASP A 591 32.71 -4.01 1.10
C ASP A 591 31.26 -4.27 1.54
N ILE A 592 30.29 -4.10 0.63
CA ILE A 592 28.89 -4.29 0.91
C ILE A 592 28.55 -5.77 0.85
N PRO A 593 27.98 -6.30 1.94
CA PRO A 593 27.77 -7.75 2.03
C PRO A 593 26.53 -8.37 1.38
N TYR A 594 26.60 -9.68 1.25
CA TYR A 594 25.49 -10.51 0.84
C TYR A 594 24.91 -11.16 2.10
N LEU A 595 23.70 -11.70 1.99
CA LEU A 595 23.16 -12.60 3.02
C LEU A 595 24.09 -13.85 3.09
N GLY A 596 23.99 -14.63 4.16
CA GLY A 596 24.70 -15.90 4.23
C GLY A 596 24.09 -16.85 3.22
N LYS A 597 24.88 -17.73 2.62
CA LYS A 597 24.39 -18.64 1.59
C LYS A 597 23.10 -19.38 1.94
N ARG A 598 22.99 -19.83 3.20
CA ARG A 598 21.82 -20.53 3.69
C ARG A 598 20.58 -19.62 3.62
N GLU A 599 20.71 -18.37 4.08
CA GLU A 599 19.63 -17.39 4.06
C GLU A 599 19.31 -16.93 2.63
N ASP A 600 20.33 -16.71 1.79
CA ASP A 600 20.11 -16.33 0.39
C ASP A 600 19.34 -17.44 -0.32
N LEU A 601 19.75 -18.72 -0.10
CA LEU A 601 19.03 -19.90 -0.63
C LEU A 601 17.60 -20.04 -0.08
N TRP A 602 17.41 -19.83 1.23
CA TRP A 602 16.09 -19.93 1.86
C TRP A 602 15.09 -18.98 1.20
N CYS A 603 15.54 -17.76 0.88
CA CYS A 603 14.68 -16.77 0.26
C CYS A 603 14.68 -16.79 -1.27
N GLY A 604 14.91 -17.97 -1.83
CA GLY A 604 14.76 -18.22 -3.25
C GLY A 604 15.94 -18.08 -4.17
N SER A 605 17.17 -17.99 -3.64
CA SER A 605 18.34 -17.87 -4.51
C SER A 605 18.55 -19.09 -5.38
N LEU A 606 19.08 -18.85 -6.58
CA LEU A 606 19.43 -19.94 -7.47
C LEU A 606 20.93 -20.19 -7.50
N ILE A 607 21.74 -19.61 -6.59
CA ILE A 607 23.20 -19.85 -6.55
C ILE A 607 23.46 -21.39 -6.44
N GLY A 608 24.35 -21.91 -7.28
CA GLY A 608 24.61 -23.35 -7.31
C GLY A 608 23.72 -24.12 -8.28
N HIS A 609 22.53 -23.61 -8.58
CA HIS A 609 21.61 -24.26 -9.51
C HIS A 609 22.16 -24.08 -10.94
N ARG A 610 22.41 -25.21 -11.65
CA ARG A 610 23.01 -25.31 -12.99
C ARG A 610 22.56 -24.21 -13.99
N PRO A 611 21.26 -24.02 -14.27
CA PRO A 611 20.88 -22.93 -15.20
C PRO A 611 21.33 -21.52 -14.76
N ARG A 612 21.33 -21.25 -13.45
CA ARG A 612 21.80 -19.97 -12.91
C ARG A 612 23.29 -19.81 -13.12
N THR A 613 24.05 -20.90 -12.96
CA THR A 613 25.49 -20.91 -13.15
C THR A 613 25.83 -20.65 -14.65
N THR A 614 25.08 -21.26 -15.57
CA THR A 614 25.29 -21.02 -17.01
C THR A 614 24.98 -19.54 -17.34
N TRP A 615 23.90 -19.00 -16.72
CA TRP A 615 23.44 -17.64 -16.85
C TRP A 615 24.55 -16.69 -16.46
N ALA A 616 25.19 -16.95 -15.32
CA ALA A 616 26.27 -16.14 -14.79
C ALA A 616 27.49 -16.25 -15.66
N GLU A 617 27.83 -17.45 -16.12
CA GLU A 617 29.00 -17.64 -16.99
C GLU A 617 28.83 -16.96 -18.31
N ASN A 618 27.61 -16.90 -18.84
CA ASN A 618 27.35 -16.27 -20.14
C ASN A 618 26.89 -14.80 -20.08
N ILE A 619 26.81 -14.22 -18.87
CA ILE A 619 26.21 -12.91 -18.68
C ILE A 619 26.76 -11.79 -19.57
N LYS A 620 28.09 -11.68 -19.76
CA LYS A 620 28.67 -10.62 -20.61
C LYS A 620 28.18 -10.73 -22.06
N ASN A 621 28.00 -11.97 -22.54
CA ASN A 621 27.50 -12.21 -23.89
C ASN A 621 26.05 -11.74 -24.05
N THR A 622 25.24 -11.96 -22.99
CA THR A 622 23.84 -11.58 -22.94
C THR A 622 23.76 -10.05 -22.93
N VAL A 623 24.60 -9.38 -22.13
CA VAL A 623 24.68 -7.91 -22.08
C VAL A 623 25.03 -7.37 -23.47
N ASN A 624 25.96 -8.01 -24.18
CA ASN A 624 26.36 -7.58 -25.52
C ASN A 624 25.20 -7.69 -26.50
N MET A 625 24.43 -8.76 -26.43
CA MET A 625 23.25 -8.92 -27.26
C MET A 625 22.22 -7.79 -27.02
N VAL A 626 21.93 -7.44 -25.73
CA VAL A 626 21.01 -6.34 -25.46
C VAL A 626 21.55 -5.00 -26.01
N ARG A 627 22.84 -4.76 -25.84
CA ARG A 627 23.48 -3.55 -26.33
C ARG A 627 23.36 -3.43 -27.87
N ARG A 628 23.39 -4.58 -28.61
CA ARG A 628 23.28 -4.60 -30.07
C ARG A 628 21.87 -4.13 -30.47
N ILE A 629 20.83 -4.66 -29.78
CA ILE A 629 19.43 -4.29 -29.97
C ILE A 629 19.17 -2.83 -29.63
N ILE A 630 19.61 -2.35 -28.45
CA ILE A 630 19.40 -0.95 -28.08
C ILE A 630 20.19 -0.04 -29.05
N GLY A 631 21.43 -0.43 -29.36
CA GLY A 631 22.28 0.30 -30.29
C GLY A 631 23.71 0.43 -29.82
N ASP A 632 24.68 -0.04 -30.66
CA ASP A 632 26.11 0.02 -30.34
C ASP A 632 26.71 1.43 -30.38
N GLU A 633 25.97 2.39 -30.95
CA GLU A 633 26.35 3.80 -30.98
C GLU A 633 26.14 4.46 -29.62
N GLU A 634 25.34 3.86 -28.71
CA GLU A 634 25.08 4.39 -27.38
C GLU A 634 26.30 4.20 -26.47
N LYS A 635 26.32 4.94 -25.38
CA LYS A 635 27.39 4.86 -24.40
C LYS A 635 27.00 3.91 -23.26
N TYR A 636 27.86 2.93 -22.98
CA TYR A 636 27.64 1.94 -21.95
C TYR A 636 28.78 1.83 -20.93
N MET A 637 28.45 1.43 -19.73
CA MET A 637 29.40 1.23 -18.66
C MET A 637 29.37 -0.26 -18.26
N ASP A 638 30.53 -0.84 -17.93
CA ASP A 638 30.59 -2.21 -17.50
C ASP A 638 30.57 -2.28 -15.98
N TYR A 639 29.41 -2.55 -15.41
CA TYR A 639 29.25 -2.72 -13.98
C TYR A 639 29.54 -4.18 -13.53
N LEU A 640 29.78 -5.11 -14.47
CA LEU A 640 30.08 -6.49 -14.14
C LEU A 640 31.56 -6.77 -13.84
N SER A 641 32.46 -5.88 -14.25
CA SER A 641 33.90 -6.09 -14.09
C SER A 641 34.44 -5.63 -12.73
ZN ZN B . -18.83 14.34 -6.28
ZN ZN C . 15.12 -13.15 3.27
CAA G8O D . 7.38 -2.85 -2.37
CAB G8O D . 6.29 -3.68 -2.29
CAC G8O D . 5.67 -3.88 -1.08
CAD G8O D . 6.23 -3.32 0.06
CAE G8O D . 7.35 -2.48 -0.02
CAF G8O D . 7.92 -2.24 -1.26
CAG G8O D . 7.08 -1.66 2.23
CAH G8O D . 3.34 -4.01 -0.85
CAI G8O D . 5.65 -4.16 -3.59
CAJ G8O D . 9.17 -1.40 -1.54
CAK G8O D . 10.08 -1.65 -2.67
CAL G8O D . 11.29 -0.54 -2.65
CAM G8O D . 11.07 0.36 -1.51
OAN G8O D . 7.91 -1.94 1.15
OAO G8O D . 4.54 -4.70 -0.99
OAQ G8O D . 5.78 -5.25 -4.03
SAR G8O D . 9.74 -0.11 -0.77
C01 FB2 E . 1.78 -7.52 -5.48
C02 FB2 E . 2.74 -7.28 -6.45
C03 FB2 E . 3.40 -6.05 -6.52
C04 FB2 E . 3.08 -5.04 -5.62
C05 FB2 E . 2.12 -5.28 -4.64
C06 FB2 E . 1.46 -6.51 -4.57
S07 FB2 E . 3.96 -3.43 -5.69
O09 FB2 E . 3.06 -2.30 -5.97
O08 FB2 E . 4.89 -3.37 -6.81
NP0 FB2 E . 4.82 -3.17 -4.25
#